data_6S6C
#
_entry.id   6S6C
#
_cell.length_a   44.669
_cell.length_b   47.357
_cell.length_c   104.193
_cell.angle_alpha   90.000
_cell.angle_beta   90.000
_cell.angle_gamma   90.000
#
_symmetry.space_group_name_H-M   'P 21 21 21'
#
loop_
_entity.id
_entity.type
_entity.pdbx_description
1 polymer Archaerhodopsin-3
2 non-polymer RETINAL
3 non-polymer HEXADECANE
4 non-polymer DODECANE
5 non-polymer nonane
6 non-polymer 'CALCIUM ION'
7 non-polymer 'SODIUM ION'
8 non-polymer 'CHLORIDE ION'
9 water water
#
_entity_poly.entity_id   1
_entity_poly.type   'polypeptide(L)'
_entity_poly.pdbx_seq_one_letter_code
;(PCA)AGYDLLGDGRPETLWLGIGTLLMLIGTFYFLVRGWGVTDKDAREYYAVTILVPGIASAAYLSMFFGIGLTEVTVG
GEMLDIYYARYADWLFTTPLLLLDLALLAKVDRVTIGTLVGVDALMIVTGLIGALSHTAIARYSWWLFSTICMIVVLYFL
ATSLRSAAKERGPEVASTFNTLTALVLVLWTAYPILWIIGTEGAGVVGLGIETLLFMVLDVTAKVGFGFILLRSRAILGD
TEAPE
;
_entity_poly.pdbx_strand_id   A
#
loop_
_chem_comp.id
_chem_comp.type
_chem_comp.name
_chem_comp.formula
CA non-polymer 'CALCIUM ION' 'Ca 2'
CL non-polymer 'CHLORIDE ION' 'Cl -1'
D12 non-polymer DODECANE 'C12 H26'
DD9 non-polymer nonane 'C9 H20'
NA non-polymer 'SODIUM ION' 'Na 1'
R16 non-polymer HEXADECANE 'C16 H34'
RET non-polymer RETINAL 'C20 H28 O'
#
# COMPACT_ATOMS: atom_id res chain seq x y z
N PCA A 1 -16.42 16.47 7.16
CA PCA A 1 -15.42 16.10 6.18
CB PCA A 1 -15.34 14.57 6.34
CG PCA A 1 -15.96 14.30 7.69
CD PCA A 1 -16.85 15.47 7.93
OE PCA A 1 -17.79 15.53 8.72
C PCA A 1 -15.85 16.49 4.77
O PCA A 1 -17.02 16.40 4.40
HA PCA A 1 -14.55 16.51 6.41
HB2 PCA A 1 -14.41 14.27 6.32
HB3 PCA A 1 -15.84 14.12 5.62
HG2 PCA A 1 -15.28 14.22 8.38
HG3 PCA A 1 -16.48 13.46 7.67
N ALA A 2 -14.86 16.91 3.98
CA ALA A 2 -15.09 17.22 2.58
C ALA A 2 -15.45 15.93 1.83
N GLY A 3 -16.56 15.97 1.11
CA GLY A 3 -17.03 14.82 0.36
C GLY A 3 -18.54 14.90 0.21
N TYR A 4 -19.18 13.73 0.19
CA TYR A 4 -20.63 13.65 0.06
C TYR A 4 -21.10 12.37 0.75
N ASP A 5 -22.08 12.52 1.65
CA ASP A 5 -22.57 11.44 2.48
C ASP A 5 -23.51 10.54 1.67
N LEU A 6 -22.91 9.67 0.84
CA LEU A 6 -23.65 8.88 -0.13
C LEU A 6 -24.70 7.96 0.48
N LEU A 7 -24.36 7.29 1.59
CA LEU A 7 -25.25 6.32 2.19
C LEU A 7 -26.18 6.95 3.23
N GLY A 8 -26.08 8.26 3.43
CA GLY A 8 -26.98 8.92 4.36
C GLY A 8 -26.78 8.42 5.79
N ASP A 9 -25.50 8.26 6.17
CA ASP A 9 -25.16 7.78 7.50
C ASP A 9 -24.12 8.69 8.18
N GLY A 10 -24.03 9.95 7.73
CA GLY A 10 -23.19 10.95 8.37
C GLY A 10 -21.71 10.83 8.03
N ARG A 11 -21.37 10.23 6.87
CA ARG A 11 -19.98 10.00 6.48
C ARG A 11 -19.70 10.51 5.08
N PRO A 12 -19.35 11.81 4.92
CA PRO A 12 -19.04 12.33 3.59
C PRO A 12 -17.87 11.62 2.90
N GLU A 13 -17.01 10.96 3.68
CA GLU A 13 -15.88 10.26 3.08
C GLU A 13 -16.31 9.03 2.27
N THR A 14 -17.57 8.58 2.36
CA THR A 14 -17.96 7.43 1.57
C THR A 14 -17.97 7.74 0.08
N LEU A 15 -18.05 9.01 -0.32
CA LEU A 15 -17.87 9.34 -1.72
C LEU A 15 -16.54 8.77 -2.22
N TRP A 16 -15.49 9.05 -1.45
CA TRP A 16 -14.15 8.65 -1.84
C TRP A 16 -13.97 7.14 -1.70
N LEU A 17 -14.53 6.56 -0.63
CA LEU A 17 -14.42 5.12 -0.45
C LEU A 17 -15.15 4.38 -1.56
N GLY A 18 -16.28 4.93 -2.03
CA GLY A 18 -17.03 4.31 -3.10
C GLY A 18 -16.27 4.37 -4.42
N ILE A 19 -15.72 5.56 -4.73
CA ILE A 19 -14.90 5.69 -5.93
C ILE A 19 -13.71 4.74 -5.85
N GLY A 20 -13.07 4.66 -4.69
CA GLY A 20 -11.94 3.76 -4.53
C GLY A 20 -12.33 2.31 -4.77
N THR A 21 -13.50 1.90 -4.23
CA THR A 21 -13.97 0.54 -4.41
C THR A 21 -14.08 0.24 -5.91
N LEU A 22 -14.73 1.14 -6.65
CA LEU A 22 -14.95 0.91 -8.07
C LEU A 22 -13.62 0.82 -8.82
N LEU A 23 -12.68 1.71 -8.51
CA LEU A 23 -11.41 1.69 -9.25
C LEU A 23 -10.61 0.43 -8.92
N MET A 24 -10.60 0.02 -7.65
CA MET A 24 -9.91 -1.21 -7.29
C MET A 24 -10.54 -2.41 -7.99
N LEU A 25 -11.87 -2.45 -8.09
CA LEU A 25 -12.53 -3.56 -8.74
C LEU A 25 -12.20 -3.58 -10.24
N ILE A 26 -12.25 -2.41 -10.88
CA ILE A 26 -11.94 -2.35 -12.31
C ILE A 26 -10.51 -2.82 -12.54
N GLY A 27 -9.58 -2.36 -11.70
CA GLY A 27 -8.19 -2.77 -11.86
C GLY A 27 -8.01 -4.27 -11.66
N THR A 28 -8.66 -4.84 -10.64
CA THR A 28 -8.59 -6.26 -10.37
C THR A 28 -9.09 -7.04 -11.59
N PHE A 29 -10.25 -6.65 -12.12
CA PHE A 29 -10.83 -7.38 -13.23
C PHE A 29 -9.97 -7.22 -14.48
N TYR A 30 -9.39 -6.04 -14.70
CA TYR A 30 -8.51 -5.85 -15.84
C TYR A 30 -7.31 -6.79 -15.77
N PHE A 31 -6.65 -6.87 -14.60
CA PHE A 31 -5.51 -7.75 -14.46
C PHE A 31 -5.93 -9.21 -14.58
N LEU A 32 -7.10 -9.57 -14.04
CA LEU A 32 -7.58 -10.94 -14.09
C LEU A 32 -7.78 -11.37 -15.55
N VAL A 33 -8.45 -10.52 -16.34
CA VAL A 33 -8.74 -10.84 -17.72
C VAL A 33 -7.45 -10.88 -18.54
N ARG A 34 -6.54 -9.92 -18.31
CA ARG A 34 -5.24 -9.93 -18.98
C ARG A 34 -4.47 -11.21 -18.62
N GLY A 35 -4.56 -11.65 -17.36
CA GLY A 35 -3.82 -12.81 -16.87
C GLY A 35 -4.29 -14.12 -17.50
N TRP A 36 -5.56 -14.19 -17.91
CA TRP A 36 -6.10 -15.45 -18.42
C TRP A 36 -5.33 -15.90 -19.67
N GLY A 37 -4.77 -14.96 -20.43
CA GLY A 37 -4.04 -15.30 -21.64
C GLY A 37 -2.52 -15.43 -21.43
N VAL A 38 -2.08 -15.55 -20.17
CA VAL A 38 -0.66 -15.63 -19.85
C VAL A 38 -0.29 -17.08 -19.55
N THR A 39 0.79 -17.57 -20.16
CA THR A 39 1.21 -18.95 -20.03
C THR A 39 2.56 -19.08 -19.34
N ASP A 40 3.46 -18.10 -19.55
CA ASP A 40 4.80 -18.17 -19.02
C ASP A 40 4.75 -18.35 -17.50
N LYS A 41 5.54 -19.28 -16.97
CA LYS A 41 5.45 -19.62 -15.56
C LYS A 41 5.80 -18.41 -14.68
N ASP A 42 6.81 -17.64 -15.09
CA ASP A 42 7.19 -16.45 -14.31
C ASP A 42 6.09 -15.40 -14.39
N ALA A 43 5.60 -15.13 -15.60
CA ALA A 43 4.60 -14.09 -15.75
C ALA A 43 3.36 -14.44 -14.93
N ARG A 44 3.03 -15.74 -14.85
CA ARG A 44 1.86 -16.16 -14.10
C ARG A 44 2.06 -15.85 -12.61
N GLU A 45 3.29 -15.99 -12.10
CA GLU A 45 3.58 -15.64 -10.71
C GLU A 45 3.36 -14.15 -10.48
N TYR A 46 3.87 -13.28 -11.36
CA TYR A 46 3.64 -11.85 -11.19
C TYR A 46 2.16 -11.52 -11.27
N TYR A 47 1.44 -12.13 -12.21
CA TYR A 47 0.00 -11.85 -12.30
C TYR A 47 -0.70 -12.27 -11.02
N ALA A 48 -0.37 -13.45 -10.48
CA ALA A 48 -1.06 -13.96 -9.31
C ALA A 48 -0.84 -13.02 -8.13
N VAL A 49 0.40 -12.62 -7.90
CA VAL A 49 0.73 -11.71 -6.81
C VAL A 49 -0.01 -10.39 -7.01
N THR A 50 0.02 -9.88 -8.24
CA THR A 50 -0.39 -8.53 -8.51
C THR A 50 -1.91 -8.39 -8.55
N ILE A 51 -2.63 -9.40 -9.06
CA ILE A 51 -4.09 -9.36 -9.04
C ILE A 51 -4.60 -9.22 -7.61
N LEU A 52 -3.92 -9.89 -6.67
CA LEU A 52 -4.36 -9.88 -5.28
C LEU A 52 -4.22 -8.51 -4.64
N VAL A 53 -3.39 -7.63 -5.19
CA VAL A 53 -3.16 -6.35 -4.55
C VAL A 53 -4.42 -5.48 -4.64
N PRO A 54 -4.93 -5.09 -5.84
CA PRO A 54 -6.22 -4.41 -5.88
C PRO A 54 -7.39 -5.33 -5.52
N GLY A 55 -7.21 -6.65 -5.58
CA GLY A 55 -8.27 -7.57 -5.20
C GLY A 55 -8.60 -7.48 -3.71
N ILE A 56 -7.56 -7.56 -2.88
CA ILE A 56 -7.72 -7.42 -1.45
C ILE A 56 -8.15 -5.99 -1.12
N ALA A 57 -7.57 -5.00 -1.80
CA ALA A 57 -7.98 -3.62 -1.57
C ALA A 57 -9.45 -3.41 -1.91
N SER A 58 -9.97 -4.13 -2.92
CA SER A 58 -11.38 -3.99 -3.25
CA SER A 58 -11.38 -4.04 -3.27
C SER A 58 -12.24 -4.43 -2.07
N ALA A 59 -11.87 -5.54 -1.44
CA ALA A 59 -12.60 -6.03 -0.28
C ALA A 59 -12.52 -5.01 0.85
N ALA A 60 -11.32 -4.47 1.09
CA ALA A 60 -11.14 -3.50 2.16
C ALA A 60 -11.96 -2.24 1.89
N TYR A 61 -11.90 -1.72 0.67
CA TYR A 61 -12.64 -0.51 0.32
C TYR A 61 -14.14 -0.74 0.40
N LEU A 62 -14.61 -1.92 -0.02
CA LEU A 62 -16.04 -2.19 0.08
C LEU A 62 -16.46 -2.22 1.55
N SER A 63 -15.64 -2.83 2.40
CA SER A 63 -16.02 -2.89 3.79
CA SER A 63 -15.86 -2.89 3.84
C SER A 63 -16.01 -1.48 4.41
N MET A 64 -15.03 -0.63 4.06
CA MET A 64 -14.99 0.72 4.58
C MET A 64 -16.20 1.51 4.08
N PHE A 65 -16.52 1.36 2.79
CA PHE A 65 -17.66 2.04 2.20
C PHE A 65 -18.92 1.77 3.02
N PHE A 66 -19.15 0.51 3.38
CA PHE A 66 -20.35 0.13 4.11
C PHE A 66 -20.23 0.35 5.62
N GLY A 67 -19.07 0.81 6.09
CA GLY A 67 -18.91 1.15 7.49
C GLY A 67 -18.57 -0.04 8.38
N ILE A 68 -18.20 -1.16 7.76
CA ILE A 68 -17.77 -2.33 8.52
C ILE A 68 -16.34 -2.07 8.98
N GLY A 69 -16.08 -2.28 10.27
CA GLY A 69 -14.73 -2.10 10.77
C GLY A 69 -14.38 -0.64 11.08
N LEU A 70 -15.41 0.21 11.23
CA LEU A 70 -15.20 1.61 11.56
C LEU A 70 -15.46 1.79 13.05
N THR A 71 -14.50 2.41 13.72
CA THR A 71 -14.73 2.77 15.11
C THR A 71 -14.10 4.13 15.39
N GLU A 72 -14.23 4.54 16.64
CA GLU A 72 -13.73 5.83 17.09
C GLU A 72 -12.70 5.60 18.18
N VAL A 73 -11.71 6.49 18.25
CA VAL A 73 -10.66 6.45 19.23
C VAL A 73 -10.71 7.75 20.03
N THR A 74 -10.83 7.64 21.34
CA THR A 74 -10.88 8.79 22.23
C THR A 74 -9.46 9.36 22.39
N VAL A 75 -9.31 10.65 22.06
CA VAL A 75 -8.07 11.38 22.29
C VAL A 75 -8.45 12.70 22.94
N GLY A 76 -8.34 12.76 24.27
CA GLY A 76 -8.88 13.88 25.00
C GLY A 76 -10.37 14.07 24.70
N GLY A 77 -10.74 15.27 24.26
CA GLY A 77 -12.13 15.57 23.94
C GLY A 77 -12.53 15.16 22.53
N GLU A 78 -11.57 14.65 21.74
CA GLU A 78 -11.82 14.30 20.36
C GLU A 78 -12.12 12.80 20.25
N MET A 79 -12.92 12.44 19.23
CA MET A 79 -13.18 11.05 18.88
CA MET A 79 -13.14 11.05 18.88
C MET A 79 -12.79 10.86 17.41
N LEU A 80 -11.62 10.24 17.17
CA LEU A 80 -11.07 10.11 15.84
C LEU A 80 -11.55 8.82 15.20
N ASP A 81 -11.99 8.94 13.94
N ASP A 81 -11.89 8.86 13.92
CA ASP A 81 -12.53 7.82 13.17
CA ASP A 81 -12.28 7.64 13.21
C ASP A 81 -11.40 7.01 12.56
C ASP A 81 -11.07 6.75 12.98
N ILE A 82 -11.39 5.71 12.87
N ILE A 82 -11.25 5.43 13.09
CA ILE A 82 -10.41 4.77 12.36
CA ILE A 82 -10.29 4.48 12.53
C ILE A 82 -11.13 3.61 11.66
C ILE A 82 -11.07 3.47 11.71
N TYR A 83 -10.64 3.30 10.46
CA TYR A 83 -11.12 2.21 9.63
C TYR A 83 -10.12 1.07 9.72
N TYR A 84 -10.42 0.01 10.45
CA TYR A 84 -9.52 -1.12 10.59
CA TYR A 84 -9.48 -1.08 10.59
C TYR A 84 -9.12 -1.70 9.24
N ALA A 85 -10.05 -1.72 8.28
CA ALA A 85 -9.78 -2.37 7.01
C ALA A 85 -8.68 -1.63 6.23
N ARG A 86 -8.46 -0.34 6.47
CA ARG A 86 -7.38 0.37 5.83
CA ARG A 86 -7.37 0.37 5.82
CA ARG A 86 -7.37 0.37 5.83
CA ARG A 86 -7.37 0.38 5.83
C ARG A 86 -6.04 -0.30 6.16
N TYR A 87 -5.85 -0.61 7.45
CA TYR A 87 -4.61 -1.18 7.94
C TYR A 87 -4.50 -2.66 7.57
N ALA A 88 -5.61 -3.40 7.63
CA ALA A 88 -5.61 -4.80 7.22
C ALA A 88 -5.22 -4.91 5.74
N ASP A 89 -5.79 -4.03 4.91
CA ASP A 89 -5.45 -3.97 3.49
CA ASP A 89 -5.45 -3.94 3.50
C ASP A 89 -3.93 -3.81 3.37
N TRP A 90 -3.39 -2.77 3.98
CA TRP A 90 -1.97 -2.48 3.84
C TRP A 90 -1.10 -3.62 4.37
N LEU A 91 -1.55 -4.32 5.40
CA LEU A 91 -0.79 -5.40 5.98
C LEU A 91 -0.57 -6.52 4.95
N PHE A 92 -1.57 -6.74 4.08
CA PHE A 92 -1.45 -7.76 3.04
C PHE A 92 -0.83 -7.21 1.76
N THR A 93 -1.21 -6.00 1.36
CA THR A 93 -0.85 -5.55 0.03
C THR A 93 0.57 -5.02 -0.02
N THR A 94 1.09 -4.44 1.08
CA THR A 94 2.46 -3.97 1.03
C THR A 94 3.44 -5.15 0.93
N PRO A 95 3.28 -6.28 1.66
CA PRO A 95 4.14 -7.43 1.40
C PRO A 95 4.03 -7.97 -0.03
N LEU A 96 2.83 -7.94 -0.61
CA LEU A 96 2.68 -8.44 -1.99
C LEU A 96 3.42 -7.53 -2.96
N LEU A 97 3.33 -6.22 -2.79
CA LEU A 97 4.04 -5.30 -3.66
C LEU A 97 5.54 -5.50 -3.52
N LEU A 98 6.01 -5.67 -2.28
CA LEU A 98 7.43 -5.92 -2.06
C LEU A 98 7.85 -7.27 -2.66
N LEU A 99 6.97 -8.26 -2.62
CA LEU A 99 7.29 -9.54 -3.24
C LEU A 99 7.45 -9.38 -4.75
N ASP A 100 6.59 -8.58 -5.40
CA ASP A 100 6.78 -8.31 -6.82
C ASP A 100 8.18 -7.76 -7.06
N LEU A 101 8.61 -6.78 -6.26
CA LEU A 101 9.92 -6.18 -6.46
C LEU A 101 11.05 -7.17 -6.18
N ALA A 102 10.86 -8.02 -5.16
CA ALA A 102 11.86 -9.03 -4.81
C ALA A 102 11.95 -10.10 -5.89
N LEU A 103 10.83 -10.45 -6.52
CA LEU A 103 10.87 -11.40 -7.63
C LEU A 103 11.67 -10.82 -8.79
N LEU A 104 11.45 -9.54 -9.11
CA LEU A 104 12.20 -8.92 -10.19
C LEU A 104 13.69 -8.93 -9.87
N ALA A 105 14.04 -8.60 -8.62
CA ALA A 105 15.44 -8.47 -8.23
C ALA A 105 16.12 -9.83 -8.11
N LYS A 106 15.32 -10.88 -7.91
CA LYS A 106 15.79 -12.24 -7.71
C LYS A 106 16.72 -12.28 -6.49
N VAL A 107 16.23 -11.75 -5.37
CA VAL A 107 16.98 -11.79 -4.12
C VAL A 107 16.53 -13.01 -3.32
N ASP A 108 17.36 -13.33 -2.32
CA ASP A 108 17.22 -14.51 -1.49
C ASP A 108 16.09 -14.33 -0.47
N ARG A 109 15.70 -15.46 0.14
CA ARG A 109 14.54 -15.46 1.02
C ARG A 109 14.81 -14.78 2.36
N VAL A 110 16.08 -14.66 2.79
CA VAL A 110 16.38 -13.98 4.03
C VAL A 110 16.23 -12.46 3.82
N THR A 111 16.71 -11.97 2.68
CA THR A 111 16.48 -10.59 2.29
C THR A 111 14.98 -10.30 2.22
N ILE A 112 14.23 -11.20 1.59
CA ILE A 112 12.80 -10.99 1.48
C ILE A 112 12.18 -10.98 2.88
N GLY A 113 12.57 -11.94 3.72
CA GLY A 113 12.05 -11.98 5.08
C GLY A 113 12.29 -10.67 5.83
N THR A 114 13.50 -10.12 5.70
CA THR A 114 13.86 -8.88 6.37
C THR A 114 12.96 -7.74 5.88
N LEU A 115 12.84 -7.65 4.56
CA LEU A 115 12.07 -6.60 3.90
C LEU A 115 10.62 -6.65 4.35
N VAL A 116 9.99 -7.82 4.26
CA VAL A 116 8.56 -7.92 4.56
CA VAL A 116 8.57 -7.91 4.54
C VAL A 116 8.33 -7.85 6.06
N GLY A 117 9.28 -8.32 6.86
CA GLY A 117 9.15 -8.22 8.30
C GLY A 117 9.14 -6.77 8.79
N VAL A 118 10.07 -5.97 8.27
CA VAL A 118 10.11 -4.58 8.67
C VAL A 118 8.87 -3.86 8.14
N ASP A 119 8.39 -4.24 6.97
CA ASP A 119 7.18 -3.67 6.41
C ASP A 119 5.97 -4.00 7.28
N ALA A 120 5.87 -5.24 7.76
CA ALA A 120 4.77 -5.60 8.62
C ALA A 120 4.81 -4.77 9.90
N LEU A 121 6.03 -4.59 10.44
CA LEU A 121 6.18 -3.80 11.65
C LEU A 121 5.76 -2.35 11.43
N MET A 122 6.08 -1.80 10.25
CA MET A 122 5.63 -0.47 9.85
C MET A 122 4.11 -0.37 9.96
N ILE A 123 3.39 -1.32 9.37
CA ILE A 123 1.93 -1.25 9.36
C ILE A 123 1.38 -1.43 10.78
N VAL A 124 1.90 -2.40 11.54
CA VAL A 124 1.41 -2.67 12.88
CA VAL A 124 1.33 -2.65 12.85
C VAL A 124 1.59 -1.45 13.78
N THR A 125 2.77 -0.84 13.71
CA THR A 125 3.03 0.31 14.57
C THR A 125 2.22 1.53 14.12
N GLY A 126 1.94 1.65 12.82
CA GLY A 126 1.00 2.67 12.37
C GLY A 126 -0.39 2.49 12.98
N LEU A 127 -0.85 1.23 13.03
CA LEU A 127 -2.15 0.92 13.61
C LEU A 127 -2.13 1.21 15.12
N ILE A 128 -1.06 0.84 15.81
CA ILE A 128 -0.97 1.14 17.23
C ILE A 128 -1.06 2.65 17.44
N GLY A 129 -0.32 3.40 16.61
CA GLY A 129 -0.41 4.86 16.67
C GLY A 129 -1.84 5.35 16.46
N ALA A 130 -2.53 4.80 15.46
CA ALA A 130 -3.88 5.23 15.11
C ALA A 130 -4.85 5.00 16.25
N LEU A 131 -4.59 3.97 17.06
CA LEU A 131 -5.48 3.60 18.15
C LEU A 131 -5.08 4.22 19.49
N SER A 132 -4.01 5.00 19.54
CA SER A 132 -3.46 5.52 20.79
C SER A 132 -4.25 6.74 21.25
N HIS A 133 -4.23 6.97 22.56
CA HIS A 133 -5.14 7.90 23.18
C HIS A 133 -4.50 9.22 23.60
N THR A 134 -3.20 9.41 23.33
CA THR A 134 -2.54 10.68 23.58
C THR A 134 -1.80 11.11 22.32
N ALA A 135 -1.69 12.42 22.12
CA ALA A 135 -0.96 12.95 20.98
C ALA A 135 0.48 12.42 21.00
N ILE A 136 1.13 12.44 22.16
CA ILE A 136 2.53 12.04 22.25
C ILE A 136 2.69 10.59 21.79
N ALA A 137 1.78 9.70 22.21
CA ALA A 137 1.85 8.31 21.79
C ALA A 137 1.65 8.17 20.29
N ARG A 138 0.69 8.92 19.73
CA ARG A 138 0.37 8.82 18.32
C ARG A 138 1.58 9.26 17.48
N TYR A 139 2.22 10.37 17.86
CA TYR A 139 3.39 10.87 17.15
C TYR A 139 4.58 9.93 17.32
N SER A 140 4.74 9.34 18.51
CA SER A 140 5.87 8.47 18.79
C SER A 140 5.80 7.19 17.93
N TRP A 141 4.62 6.56 17.90
CA TRP A 141 4.43 5.38 17.07
C TRP A 141 4.59 5.74 15.60
N TRP A 142 4.07 6.91 15.19
CA TRP A 142 4.25 7.36 13.82
C TRP A 142 5.73 7.43 13.47
N LEU A 143 6.54 7.99 14.37
CA LEU A 143 7.96 8.15 14.08
C LEU A 143 8.62 6.78 13.94
N PHE A 144 8.30 5.86 14.87
CA PHE A 144 8.84 4.52 14.80
C PHE A 144 8.49 3.86 13.47
N SER A 145 7.20 3.93 13.09
CA SER A 145 6.72 3.36 11.86
C SER A 145 7.43 3.96 10.63
N THR A 146 7.65 5.27 10.67
CA THR A 146 8.32 5.98 9.60
C THR A 146 9.78 5.52 9.46
N ILE A 147 10.45 5.26 10.58
CA ILE A 147 11.80 4.73 10.51
CA ILE A 147 11.80 4.70 10.56
C ILE A 147 11.77 3.35 9.83
N CYS A 148 10.81 2.50 10.20
CA CYS A 148 10.63 1.22 9.54
C CYS A 148 10.46 1.41 8.03
N MET A 149 9.63 2.36 7.62
CA MET A 149 9.42 2.62 6.21
C MET A 149 10.75 2.97 5.54
N ILE A 150 11.53 3.87 6.15
CA ILE A 150 12.78 4.30 5.56
CA ILE A 150 12.78 4.30 5.56
C ILE A 150 13.70 3.09 5.39
N VAL A 151 13.71 2.18 6.36
CA VAL A 151 14.52 0.98 6.24
C VAL A 151 14.10 0.16 5.03
N VAL A 152 12.79 -0.07 4.87
CA VAL A 152 12.27 -0.82 3.74
C VAL A 152 12.73 -0.17 2.43
N LEU A 153 12.50 1.14 2.32
CA LEU A 153 12.79 1.84 1.08
C LEU A 153 14.29 1.86 0.80
N TYR A 154 15.10 1.99 1.84
CA TYR A 154 16.54 1.92 1.69
C TYR A 154 16.97 0.57 1.12
N PHE A 155 16.43 -0.53 1.65
CA PHE A 155 16.75 -1.85 1.14
C PHE A 155 16.39 -1.96 -0.33
N LEU A 156 15.20 -1.46 -0.71
CA LEU A 156 14.77 -1.51 -2.11
CA LEU A 156 14.76 -1.52 -2.09
C LEU A 156 15.76 -0.79 -2.99
N ALA A 157 16.18 0.40 -2.53
CA ALA A 157 16.96 1.31 -3.35
C ALA A 157 18.44 0.91 -3.44
N THR A 158 18.88 0.00 -2.57
CA THR A 158 20.28 -0.39 -2.51
C THR A 158 20.42 -1.88 -2.87
N SER A 159 20.12 -2.76 -1.90
CA SER A 159 20.29 -4.20 -2.04
CA SER A 159 20.31 -4.20 -2.05
C SER A 159 19.51 -4.74 -3.24
N LEU A 160 18.20 -4.48 -3.28
CA LEU A 160 17.41 -5.06 -4.35
C LEU A 160 17.75 -4.42 -5.69
N ARG A 161 18.04 -3.12 -5.70
CA ARG A 161 18.37 -2.45 -6.94
C ARG A 161 19.63 -3.05 -7.56
N SER A 162 20.64 -3.30 -6.72
CA SER A 162 21.90 -3.84 -7.21
CA SER A 162 21.91 -3.86 -7.16
C SER A 162 21.71 -5.25 -7.76
N ALA A 163 20.87 -6.06 -7.09
CA ALA A 163 20.56 -7.40 -7.58
C ALA A 163 19.83 -7.34 -8.92
N ALA A 164 18.86 -6.42 -9.06
CA ALA A 164 18.11 -6.32 -10.30
C ALA A 164 19.02 -5.91 -11.47
N LYS A 165 20.03 -5.09 -11.18
CA LYS A 165 20.90 -4.56 -12.21
C LYS A 165 21.58 -5.71 -12.98
N GLU A 166 21.88 -6.80 -12.27
CA GLU A 166 22.62 -7.92 -12.83
C GLU A 166 21.77 -8.72 -13.82
N ARG A 167 20.44 -8.51 -13.77
CA ARG A 167 19.52 -9.32 -14.55
C ARG A 167 19.32 -8.75 -15.94
N GLY A 168 20.04 -7.67 -16.25
CA GLY A 168 20.02 -7.13 -17.59
C GLY A 168 19.02 -6.00 -17.73
N PRO A 169 19.03 -5.29 -18.88
CA PRO A 169 18.36 -4.00 -19.00
C PRO A 169 16.84 -4.02 -18.83
N GLU A 170 16.19 -5.07 -19.33
CA GLU A 170 14.74 -5.19 -19.28
C GLU A 170 14.27 -5.23 -17.82
N VAL A 171 14.86 -6.15 -17.06
CA VAL A 171 14.48 -6.34 -15.67
C VAL A 171 14.92 -5.11 -14.88
N ALA A 172 16.16 -4.65 -15.10
CA ALA A 172 16.67 -3.51 -14.35
C ALA A 172 15.78 -2.29 -14.56
N SER A 173 15.38 -2.02 -15.81
CA SER A 173 14.58 -0.87 -16.16
CA SER A 173 14.60 -0.84 -16.11
C SER A 173 13.24 -0.91 -15.43
N THR A 174 12.60 -2.08 -15.45
CA THR A 174 11.29 -2.23 -14.82
C THR A 174 11.42 -2.09 -13.31
N PHE A 175 12.42 -2.74 -12.72
CA PHE A 175 12.66 -2.62 -11.29
C PHE A 175 12.85 -1.15 -10.93
N ASN A 176 13.65 -0.44 -11.72
CA ASN A 176 14.00 0.94 -11.41
C ASN A 176 12.77 1.84 -11.54
N THR A 177 11.94 1.62 -12.56
CA THR A 177 10.77 2.45 -12.78
CA THR A 177 10.79 2.48 -12.77
C THR A 177 9.79 2.28 -11.62
N LEU A 178 9.61 1.03 -11.18
CA LEU A 178 8.66 0.76 -10.11
C LEU A 178 9.19 1.27 -8.78
N THR A 179 10.50 1.15 -8.55
CA THR A 179 11.10 1.63 -7.31
C THR A 179 11.02 3.16 -7.23
N ALA A 180 11.17 3.84 -8.37
CA ALA A 180 11.01 5.28 -8.40
C ALA A 180 9.61 5.68 -7.94
N LEU A 181 8.60 4.95 -8.41
CA LEU A 181 7.23 5.19 -7.99
CA LEU A 181 7.22 5.18 -8.00
C LEU A 181 7.09 4.94 -6.49
N VAL A 182 7.59 3.80 -6.02
CA VAL A 182 7.42 3.40 -4.64
C VAL A 182 8.09 4.39 -3.69
N LEU A 183 9.32 4.82 -3.97
CA LEU A 183 10.03 5.66 -3.00
CA LEU A 183 10.03 5.66 -3.01
C LEU A 183 9.23 6.94 -2.76
N VAL A 184 8.61 7.48 -3.82
CA VAL A 184 7.84 8.70 -3.68
C VAL A 184 6.46 8.43 -3.09
N LEU A 185 5.72 7.50 -3.71
CA LEU A 185 4.33 7.27 -3.32
C LEU A 185 4.23 6.75 -1.89
N TRP A 186 5.10 5.82 -1.50
CA TRP A 186 5.00 5.28 -0.16
C TRP A 186 5.30 6.37 0.87
N THR A 187 6.26 7.25 0.58
CA THR A 187 6.63 8.29 1.52
C THR A 187 5.46 9.26 1.74
N ALA A 188 4.58 9.39 0.76
CA ALA A 188 3.40 10.24 0.91
C ALA A 188 2.50 9.76 2.04
N TYR A 189 2.49 8.45 2.35
CA TYR A 189 1.58 7.92 3.35
C TYR A 189 1.85 8.50 4.74
N PRO A 190 3.08 8.41 5.30
CA PRO A 190 3.32 9.03 6.61
C PRO A 190 3.10 10.53 6.60
N ILE A 191 3.39 11.21 5.49
CA ILE A 191 3.15 12.64 5.42
C ILE A 191 1.66 12.92 5.60
N LEU A 192 0.82 12.22 4.85
CA LEU A 192 -0.62 12.43 4.95
C LEU A 192 -1.12 12.10 6.35
N TRP A 193 -0.63 11.01 6.94
CA TRP A 193 -1.11 10.58 8.24
C TRP A 193 -0.84 11.65 9.28
N ILE A 194 0.36 12.23 9.27
CA ILE A 194 0.73 13.14 10.34
CA ILE A 194 0.75 13.14 10.33
C ILE A 194 0.10 14.52 10.13
N ILE A 195 -0.24 14.89 8.90
CA ILE A 195 -0.91 16.18 8.72
C ILE A 195 -2.43 16.03 8.86
N GLY A 196 -2.91 14.79 8.83
CA GLY A 196 -4.34 14.50 8.82
C GLY A 196 -4.89 14.24 10.22
N THR A 197 -6.01 13.52 10.25
CA THR A 197 -6.81 13.39 11.46
C THR A 197 -6.04 12.71 12.59
N GLU A 198 -5.11 11.81 12.25
CA GLU A 198 -4.41 11.01 13.23
C GLU A 198 -3.30 11.80 13.92
N GLY A 199 -2.82 12.86 13.26
CA GLY A 199 -1.66 13.58 13.74
C GLY A 199 -2.03 15.02 14.11
N ALA A 200 -1.54 15.97 13.31
CA ALA A 200 -1.70 17.37 13.63
C ALA A 200 -3.13 17.85 13.39
N GLY A 201 -3.90 17.13 12.57
CA GLY A 201 -5.30 17.47 12.33
C GLY A 201 -5.50 18.71 11.47
N VAL A 202 -4.56 18.97 10.56
CA VAL A 202 -4.66 20.09 9.64
C VAL A 202 -5.65 19.75 8.53
N VAL A 203 -5.45 18.55 7.97
CA VAL A 203 -6.31 17.97 6.94
C VAL A 203 -7.39 17.14 7.65
N GLY A 204 -8.67 17.33 7.27
CA GLY A 204 -9.76 16.57 7.84
C GLY A 204 -9.95 15.20 7.18
N LEU A 205 -10.93 14.45 7.67
CA LEU A 205 -11.15 13.06 7.28
C LEU A 205 -11.53 12.94 5.82
N GLY A 206 -12.23 13.93 5.28
CA GLY A 206 -12.68 13.89 3.90
C GLY A 206 -11.51 13.99 2.91
N ILE A 207 -10.74 15.06 3.01
CA ILE A 207 -9.57 15.25 2.15
C ILE A 207 -8.58 14.12 2.40
N GLU A 208 -8.42 13.69 3.65
CA GLU A 208 -7.48 12.62 3.94
CA GLU A 208 -7.48 12.62 3.95
C GLU A 208 -7.91 11.32 3.26
N THR A 209 -9.19 11.00 3.30
CA THR A 209 -9.66 9.76 2.72
C THR A 209 -9.52 9.82 1.20
N LEU A 210 -9.84 10.98 0.61
CA LEU A 210 -9.64 11.20 -0.81
C LEU A 210 -8.18 10.93 -1.18
N LEU A 211 -7.25 11.50 -0.43
CA LEU A 211 -5.85 11.41 -0.83
C LEU A 211 -5.31 10.00 -0.57
N PHE A 212 -5.71 9.32 0.50
CA PHE A 212 -5.32 7.92 0.66
C PHE A 212 -5.89 7.07 -0.46
N MET A 213 -7.08 7.38 -0.95
CA MET A 213 -7.66 6.62 -2.05
C MET A 213 -6.83 6.82 -3.32
N VAL A 214 -6.41 8.05 -3.59
CA VAL A 214 -5.59 8.29 -4.77
C VAL A 214 -4.27 7.54 -4.63
N LEU A 215 -3.64 7.66 -3.46
CA LEU A 215 -2.37 6.97 -3.24
C LEU A 215 -2.54 5.47 -3.40
N ASP A 216 -3.59 4.91 -2.81
CA ASP A 216 -3.83 3.49 -2.86
C ASP A 216 -4.07 3.02 -4.30
N VAL A 217 -4.89 3.75 -5.06
CA VAL A 217 -5.16 3.32 -6.43
CA VAL A 217 -5.16 3.30 -6.42
C VAL A 217 -3.87 3.40 -7.25
N THR A 218 -3.08 4.46 -7.05
CA THR A 218 -1.86 4.63 -7.81
C THR A 218 -0.83 3.54 -7.47
N ALA A 219 -0.70 3.28 -6.16
CA ALA A 219 0.33 2.40 -5.67
C ALA A 219 -0.02 0.93 -5.93
N LYS A 220 -1.29 0.67 -6.27
N LYS A 220 -1.26 0.64 -6.34
CA LYS A 220 -1.75 -0.68 -6.50
CA LYS A 220 -1.72 -0.73 -6.52
C LYS A 220 -2.05 -0.88 -7.98
C LYS A 220 -2.11 -0.98 -7.98
N VAL A 221 -3.11 -0.24 -8.48
CA VAL A 221 -3.48 -0.39 -9.88
C VAL A 221 -2.41 0.22 -10.79
N GLY A 222 -1.90 1.41 -10.44
CA GLY A 222 -0.87 2.05 -11.26
C GLY A 222 0.41 1.21 -11.32
N PHE A 223 0.91 0.85 -10.14
N PHE A 223 0.89 0.81 -10.15
CA PHE A 223 2.06 -0.04 -10.04
CA PHE A 223 2.07 -0.02 -10.04
C PHE A 223 1.84 -1.28 -10.88
C PHE A 223 1.88 -1.33 -10.82
N GLY A 224 0.69 -1.94 -10.66
CA GLY A 224 0.41 -3.19 -11.34
C GLY A 224 0.39 -3.05 -12.84
N PHE A 225 -0.20 -1.96 -13.33
CA PHE A 225 -0.26 -1.73 -14.75
C PHE A 225 1.14 -1.64 -15.35
N ILE A 226 2.02 -0.88 -14.69
CA ILE A 226 3.39 -0.66 -15.14
C ILE A 226 4.15 -1.99 -15.13
N LEU A 227 4.00 -2.78 -14.05
CA LEU A 227 4.70 -4.04 -13.95
C LEU A 227 4.24 -5.02 -15.02
N LEU A 228 2.93 -5.21 -15.15
CA LEU A 228 2.40 -6.34 -15.90
C LEU A 228 2.51 -6.13 -17.40
N ARG A 229 2.75 -4.89 -17.83
CA ARG A 229 2.94 -4.64 -19.25
C ARG A 229 4.41 -4.82 -19.67
N SER A 230 5.31 -5.09 -18.71
CA SER A 230 6.74 -5.17 -18.99
CA SER A 230 6.74 -5.18 -18.96
C SER A 230 7.13 -6.59 -19.40
N ARG A 231 8.09 -6.68 -20.33
CA ARG A 231 8.65 -7.95 -20.70
C ARG A 231 9.46 -8.56 -19.54
N ALA A 232 9.82 -7.77 -18.52
CA ALA A 232 10.57 -8.28 -17.38
C ALA A 232 9.87 -9.43 -16.67
N ILE A 233 8.54 -9.47 -16.72
CA ILE A 233 7.79 -10.50 -15.99
C ILE A 233 7.95 -11.87 -16.62
N LEU A 234 8.52 -11.96 -17.84
CA LEU A 234 8.82 -13.24 -18.46
C LEU A 234 10.13 -13.82 -17.96
N GLY A 235 10.98 -13.00 -17.36
CA GLY A 235 12.26 -13.44 -16.84
C GLY A 235 12.14 -14.44 -15.71
N ASP A 236 13.14 -15.30 -15.57
CA ASP A 236 13.13 -16.32 -14.54
C ASP A 236 12.93 -15.67 -13.16
N THR A 237 12.19 -16.38 -12.33
CA THR A 237 11.97 -16.03 -10.94
C THR A 237 12.32 -17.22 -10.05
N GLU A 238 12.58 -16.88 -8.79
CA GLU A 238 12.72 -17.83 -7.70
C GLU A 238 11.86 -17.32 -6.55
N ALA A 239 10.67 -17.89 -6.40
CA ALA A 239 9.84 -17.55 -5.25
C ALA A 239 10.63 -17.83 -3.96
N PRO A 240 10.38 -17.09 -2.85
CA PRO A 240 11.05 -17.37 -1.58
C PRO A 240 10.89 -18.82 -1.12
N GLU A 241 9.77 -19.44 -1.46
CA GLU A 241 9.60 -20.87 -1.25
C GLU A 241 9.27 -21.54 -2.60
C1 RET B . 1.37 4.53 8.03
C1 RET B . 1.43 4.83 8.09
C2 RET B . 1.23 5.12 9.43
C2 RET B . 1.41 5.77 9.31
C3 RET B . 2.09 6.30 9.65
C3 RET B . 2.53 5.55 10.22
C4 RET B . 3.54 5.95 9.45
C4 RET B . 3.80 5.87 9.49
C5 RET B . 3.80 5.14 8.20
C5 RET B . 3.88 5.21 8.14
C6 RET B . 2.80 4.58 7.50
C6 RET B . 2.82 4.72 7.47
C7 RET B . 3.09 4.01 6.21
C7 RET B . 3.07 4.08 6.17
C8 RET B . 2.21 3.41 5.35
C8 RET B . 2.22 3.39 5.37
C9 RET B . 2.48 2.98 4.05
C9 RET B . 2.53 2.98 4.06
C10 RET B . 1.46 2.37 3.31
C10 RET B . 1.54 2.39 3.27
C11 RET B . 1.46 1.92 2.01
C11 RET B . 1.57 1.96 1.98
C12 RET B . 0.39 1.24 1.46
C12 RET B . 0.46 1.50 1.33
C13 RET B . 0.14 0.85 0.15
C13 RET B . 0.31 0.89 0.10
C14 RET B . -1.04 0.15 -0.11
C14 RET B . -0.84 0.12 0.01
C15 RET B . -1.67 -0.06 -1.38
C15 RET B . -1.73 -0.02 -1.09
C16 RET B . 0.88 3.07 8.09
C16 RET B . 0.96 3.44 8.53
C17 RET B . 0.43 5.32 7.12
C17 RET B . 0.41 5.43 7.12
C18 RET B . 5.25 5.07 7.83
C18 RET B . 5.31 5.17 7.62
C19 RET B . 3.81 3.16 3.42
C19 RET B . 3.88 3.21 3.46
C20 RET B . 1.16 1.15 -0.87
C20 RET B . 1.39 1.04 -0.89
H21 RET B . 1.48 4.43 10.09
H21 RET B . 1.43 6.69 8.98
H22 RET B . 0.30 5.36 9.59
H22 RET B . 0.57 5.64 9.79
H31 RET B . 1.96 6.64 10.56
H31 RET B . 2.55 4.62 10.54
H32 RET B . 1.83 7.01 9.03
H32 RET B . 2.45 6.14 11.00
H41 RET B . 4.08 6.77 9.40
H41 RET B . 3.86 6.84 9.35
H42 RET B . 3.86 5.43 10.22
H42 RET B . 4.57 5.59 10.01
H7 RET B . 3.98 4.04 5.92
H7 RET B . 3.94 4.16 5.84
H8 RET B . 1.32 3.29 5.65
H8 RET B . 1.37 3.14 5.69
H10 RET B . 0.65 2.22 3.77
H10 RET B . 0.71 2.25 3.71
H11 RET B . 2.21 2.09 1.47
H11 RET B . 2.38 1.99 1.50
H12 RET B . -0.28 1.02 2.10
H12 RET B . -0.33 1.64 1.82
H14 RET B . -1.45 -0.25 0.64
H14 RET B . -1.04 -0.38 0.79
H15 RET B . -1.31 0.42 -2.13
H15 RET B . -1.42 0.33 -1.93
H161 RET B . 0.84 2.71 7.19
H161 RET B . 1.71 2.84 8.64
H162 RET B . 1.51 2.54 8.62
H162 RET B . 0.48 3.50 9.38
H163 RET B . 0.01 3.03 8.49
H163 RET B . 0.35 3.06 7.86
H171 RET B . 0.88 6.11 6.77
H171 RET B . 0.13 4.76 6.47
H172 RET B . -0.36 5.60 7.63
H172 RET B . 0.79 6.19 6.66
H173 RET B . 0.14 4.76 6.38
H173 RET B . -0.37 5.74 7.62
H181 RET B . 5.68 5.91 8.01
H181 RET B . 5.35 5.60 6.76
H182 RET B . 5.68 4.37 8.34
H182 RET B . 5.59 4.26 7.54
H183 RET B . 5.33 4.86 6.88
H183 RET B . 5.89 5.63 8.24
H191 RET B . 4.49 2.92 4.05
H191 RET B . 4.56 2.92 4.09
H192 RET B . 3.91 4.08 3.16
H192 RET B . 3.99 4.15 3.28
H193 RET B . 3.87 2.59 2.64
H193 RET B . 3.97 2.71 2.64
H201 RET B . 1.21 2.11 -0.99
H201 RET B . 1.14 0.57 -1.70
H202 RET B . 0.92 0.73 -1.71
H202 RET B . 2.21 0.68 -0.54
H203 RET B . 2.03 0.83 -0.57
H203 RET B . 1.52 1.98 -1.09
C27 R16 C . -7.70 8.06 -8.49
C28 R16 C . -8.87 8.84 -9.02
C29 R16 C . -9.16 10.10 -8.26
C30 R16 C . -10.61 10.54 -8.35
C31 R16 C . -10.91 11.80 -7.61
C32 R16 C . -12.38 12.04 -7.38
C33 R16 C . -13.22 12.16 -8.64
C34 R16 C . -14.62 12.71 -8.43
C35 R16 C . -14.72 14.22 -8.60
C36 R16 C . -15.51 14.96 -7.56
C37 R16 C . -16.87 14.37 -7.22
C38 R16 C . -17.89 15.39 -6.78
C39 R16 C . -19.16 14.79 -6.23
C40 R16 C . -20.14 15.81 -5.70
C41 R16 C . -21.42 15.23 -5.17
C42 R16 C . -22.56 16.21 -5.08
H271 R16 C . -7.70 7.16 -8.88
H272 R16 C . -7.78 7.98 -7.52
H273 R16 C . -6.87 8.51 -8.70
H281 R16 C . -9.66 8.27 -9.02
H282 R16 C . -8.68 9.08 -9.96
H291 R16 C . -8.59 10.82 -8.59
H292 R16 C . -8.94 9.95 -7.31
H301 R16 C . -11.17 9.82 -7.99
H302 R16 C . -10.83 10.66 -9.29
H311 R16 C . -10.55 12.56 -8.12
H312 R16 C . -10.46 11.78 -6.75
H321 R16 C . -12.49 12.87 -6.87
H322 R16 C . -12.74 11.31 -6.85
H331 R16 C . -13.30 11.27 -9.04
H332 R16 C . -12.75 12.74 -9.29
H341 R16 C . -14.91 12.49 -7.51
H342 R16 C . -15.24 12.29 -9.05
H351 R16 C . -15.13 14.40 -9.48
H352 R16 C . -13.81 14.59 -8.63
H361 R16 C . -15.65 15.88 -7.87
H362 R16 C . -14.98 15.01 -6.74
H371 R16 C . -16.75 13.72 -6.50
H372 R16 C . -17.20 13.90 -8.01
H381 R16 C . -18.11 15.95 -7.55
H382 R16 C . -17.49 15.96 -6.09
H391 R16 C . -18.94 14.17 -5.52
H392 R16 C . -19.60 14.28 -6.95
H401 R16 C . -20.36 16.44 -6.42
H402 R16 C . -19.71 16.32 -4.99
H411 R16 C . -21.25 14.86 -4.27
H412 R16 C . -21.69 14.48 -5.74
H421 R16 C . -22.92 16.37 -5.97
H422 R16 C . -22.24 17.05 -4.71
H423 R16 C . -23.26 15.85 -4.51
C27 R16 D . 18.38 6.02 -1.93
C28 R16 D . 17.46 6.59 -0.88
C29 R16 D . 16.68 5.55 -0.13
C30 R16 D . 15.86 6.06 1.03
C31 R16 D . 14.66 6.88 0.63
C32 R16 D . 13.63 7.07 1.70
C33 R16 D . 12.87 8.38 1.62
C34 R16 D . 12.29 8.68 0.26
C35 R16 D . 12.51 10.10 -0.22
C36 R16 D . 11.42 10.61 -1.16
C37 R16 D . 10.63 11.78 -0.64
C38 R16 D . 9.37 12.09 -1.44
C39 R16 D . 8.59 13.28 -0.94
C40 R16 D . 7.35 13.60 -1.73
C41 R16 D . 6.56 14.75 -1.17
C42 R16 D . 5.22 14.92 -1.83
H271 R16 D . 18.76 6.74 -2.45
H272 R16 D . 17.87 5.44 -2.52
H273 R16 D . 19.09 5.53 -1.50
H281 R16 D . 16.82 7.21 -1.31
H282 R16 D . 17.98 7.12 -0.23
H291 R16 D . 17.31 4.88 0.21
H292 R16 D . 16.08 5.10 -0.76
H301 R16 D . 16.44 6.61 1.61
H302 R16 D . 15.56 5.29 1.56
H311 R16 D . 14.23 6.43 -0.14
H312 R16 D . 14.98 7.75 0.32
H321 R16 D . 14.09 7.02 2.58
H322 R16 D . 12.99 6.32 1.67
H331 R16 D . 13.47 9.10 1.88
H332 R16 D . 12.13 8.34 2.27
H341 R16 D . 11.33 8.49 0.27
H342 R16 D . 12.70 8.07 -0.40
H351 R16 D . 13.37 10.16 -0.68
H352 R16 D . 12.55 10.69 0.56
H361 R16 D . 10.81 9.87 -1.35
H362 R16 D . 11.84 10.87 -2.00
H371 R16 D . 11.20 12.57 -0.63
H372 R16 D . 10.36 11.59 0.29
H381 R16 D . 8.78 11.31 -1.43
H382 R16 D . 9.63 12.27 -2.37
H391 R16 D . 9.18 14.07 -0.95
H392 R16 D . 8.34 13.11 -0.01
H401 R16 D . 6.78 12.81 -1.75
H402 R16 D . 7.62 13.81 -2.65
H411 R16 D . 7.09 15.58 -1.28
H412 R16 D . 6.44 14.61 -0.20
H421 R16 D . 4.58 14.34 -1.40
H422 R16 D . 5.30 14.69 -2.77
H423 R16 D . 4.93 15.84 -1.75
C27 R16 E . -0.98 7.05 -12.04
C28 R16 E . -1.79 5.81 -12.30
C29 R16 E . -3.21 5.88 -11.79
C30 R16 E . -3.96 4.57 -11.79
C31 R16 E . -5.39 4.67 -12.26
C32 R16 E . -6.14 3.36 -12.23
C33 R16 E . -7.63 3.47 -12.45
C34 R16 E . -8.35 2.14 -12.58
C35 R16 E . -8.56 1.67 -14.03
C36 R16 E . -7.79 0.41 -14.41
C37 R16 E . -8.23 -0.23 -15.70
C38 R16 E . -7.21 -0.16 -16.82
C39 R16 E . -7.78 -0.37 -18.21
C40 R16 E . -7.03 0.37 -19.30
C41 R16 E . -6.93 -0.33 -20.64
C42 R16 E . -5.67 0.01 -21.40
H271 R16 E . -0.02 6.85 -12.13
H272 R16 E . -1.15 7.38 -11.14
H273 R16 E . -1.21 7.74 -12.69
H281 R16 E . -1.35 5.04 -11.87
H282 R16 E . -1.81 5.64 -13.27
H291 R16 E . -3.70 6.52 -12.34
H292 R16 E . -3.19 6.24 -10.88
H301 R16 E . -3.94 4.20 -10.88
H302 R16 E . -3.48 3.94 -12.37
H311 R16 E . -5.40 5.02 -13.17
H312 R16 E . -5.86 5.32 -11.69
H321 R16 E . -5.98 2.93 -11.36
H322 R16 E . -5.77 2.77 -12.92
H331 R16 E . -7.79 4.01 -13.26
H332 R16 E . -8.03 3.96 -11.70
H341 R16 E . -9.22 2.21 -12.15
H342 R16 E . -7.83 1.46 -12.11
H351 R16 E . -8.30 2.39 -14.63
H352 R16 E . -9.52 1.50 -14.16
H361 R16 E . -7.89 -0.25 -13.68
H362 R16 E . -6.84 0.63 -14.46
H371 R16 E . -9.05 0.20 -16.01
H372 R16 E . -8.44 -1.17 -15.53
H381 R16 E . -6.52 -0.84 -16.65
H382 R16 E . -6.78 0.72 -16.79
H391 R16 E . -8.71 -0.07 -18.22
H392 R16 E . -7.76 -1.32 -18.41
H401 R16 E . -6.12 0.55 -18.98
H402 R16 E . -7.47 1.24 -19.45
H411 R16 E . -7.71 -0.10 -21.18
H412 R16 E . -6.96 -1.30 -20.48
H421 R16 E . -4.93 -0.51 -21.05
H422 R16 E . -5.49 0.95 -21.30
H423 R16 E . -5.80 -0.21 -22.34
C27 R16 F . 13.58 -1.12 11.71
C28 R16 F . 13.55 -2.19 12.76
C29 R16 F . 14.06 -3.54 12.28
C30 R16 F . 15.48 -3.53 11.77
C31 R16 F . 15.67 -4.16 10.42
C32 R16 F . 16.98 -4.86 10.23
C33 R16 F . 17.06 -6.21 10.88
C34 R16 F . 18.41 -6.89 10.76
C35 R16 F . 18.91 -6.99 9.34
C36 R16 F . 19.97 -8.04 9.12
C37 R16 F . 19.70 -8.96 7.95
C38 R16 F . 19.66 -8.27 6.62
C39 R16 F . 19.33 -9.20 5.47
C40 R16 F . 20.41 -10.20 5.16
C41 R16 F . 20.27 -10.87 3.83
C42 R16 F . 21.34 -11.91 3.57
H271 R16 F . 12.85 -0.50 11.86
H272 R16 F . 13.48 -1.52 10.82
H273 R16 F . 14.42 -0.64 11.74
H281 R16 F . 12.63 -2.31 13.08
H282 R16 F . 14.10 -1.90 13.52
H291 R16 F . 13.47 -3.85 11.58
H292 R16 F . 14.00 -4.18 13.03
H301 R16 F . 16.05 -4.00 12.42
H302 R16 F . 15.80 -2.61 11.73
H311 R16 F . 15.57 -3.47 9.72
H312 R16 F . 14.95 -4.82 10.27
H321 R16 F . 17.70 -4.29 10.59
H322 R16 F . 17.15 -4.96 9.26
H331 R16 F . 16.38 -6.79 10.49
H332 R16 F . 16.85 -6.11 11.83
H341 R16 F . 18.33 -7.79 11.13
H342 R16 F . 19.06 -6.40 11.29
H351 R16 F . 19.27 -6.12 9.07
H352 R16 F . 18.15 -7.20 8.75
H361 R16 F . 20.07 -8.57 9.93
H362 R16 F . 20.83 -7.59 8.96
H371 R16 F . 18.84 -9.41 8.11
H372 R16 F . 20.40 -9.65 7.94
H381 R16 F . 20.53 -7.86 6.45
H382 R16 F . 18.99 -7.56 6.64
H391 R16 F . 19.17 -8.66 4.66
H392 R16 F . 18.50 -9.68 5.67
H401 R16 F . 20.39 -10.89 5.87
H402 R16 F . 21.28 -9.75 5.22
H411 R16 F . 20.32 -10.19 3.12
H412 R16 F . 19.40 -11.30 3.77
H421 R16 F . 21.04 -12.77 3.89
H422 R16 F . 22.16 -11.66 4.04
H423 R16 F . 21.51 -11.97 2.62
C3 D12 G . 21.06 -2.25 5.23
C4 D12 G . 20.53 -2.32 6.66
C5 D12 G . 19.39 -1.32 6.89
C6 D12 G . 19.90 0.11 6.84
C7 D12 G . 18.78 1.13 7.03
C8 D12 G . 19.32 2.53 6.77
C9 D12 G . 18.26 3.62 6.86
C10 D12 G . 18.73 4.85 6.09
C11 D12 G . 18.38 6.14 6.82
H31 D12 G . 21.99 -3.04 5.88
H32 D12 G . 22.06 -1.82 5.24
H41 D12 G . 20.16 -3.34 6.84
H42 D12 G . 21.34 -2.13 7.36
H51 D12 G . 18.62 -1.47 6.13
H52 D12 G . 18.95 -1.52 7.87
H61 D12 G . 20.64 0.25 7.62
H62 D12 G . 20.39 0.29 5.88
H71 D12 G . 17.96 0.91 6.34
H72 D12 G . 18.40 1.07 8.05
H81 D12 G . 20.12 2.74 7.48
H82 D12 G . 19.76 2.54 5.77
H91 D12 G . 17.32 3.26 6.44
H92 D12 G . 18.09 3.87 7.91
H101 D12 G . 19.81 4.81 5.95
H102 D12 G . 18.27 4.86 5.11
H111 D12 G . 19.13 6.31 7.27
H112 D12 G . 17.40 6.06 7.28
C27 R16 H . 4.39 0.93 25.68
C28 R16 H . 5.62 1.50 25.01
C29 R16 H . 6.52 0.45 24.40
C30 R16 H . 7.94 0.91 24.18
C31 R16 H . 8.80 -0.05 23.39
C32 R16 H . 9.71 0.60 22.37
C33 R16 H . 9.10 0.73 21.00
C34 R16 H . 9.80 1.70 20.07
C35 R16 H . 9.58 3.15 20.38
C36 R16 H . 8.15 3.63 20.19
C37 R16 H . 7.29 3.56 21.43
C38 R16 H . 6.26 4.66 21.54
C39 R16 H . 5.69 4.83 22.92
C40 R16 H . 4.95 6.12 23.13
C41 R16 H . 4.47 6.36 24.55
C42 R16 H . 3.93 7.74 24.82
H271 R16 H . 3.92 1.64 26.13
H272 R16 H . 4.65 0.24 26.30
H273 R16 H . 3.81 0.55 24.99
H281 R16 H . 6.14 2.00 25.69
H282 R16 H . 5.35 2.14 24.32
H291 R16 H . 6.15 0.19 23.53
H292 R16 H . 6.52 -0.34 24.97
H301 R16 H . 8.37 1.06 25.06
H302 R16 H . 7.93 1.77 23.72
H311 R16 H . 8.22 -0.69 22.93
H312 R16 H . 9.36 -0.57 24.02
H321 R16 H . 10.53 0.08 22.31
H322 R16 H . 9.95 1.50 22.70
H331 R16 H . 8.17 1.00 21.09
H332 R16 H . 9.10 -0.16 20.57
H341 R16 H . 9.51 1.52 19.16
H342 R16 H . 10.77 1.52 20.11
H351 R16 H . 10.16 3.69 19.80
H352 R16 H . 9.85 3.33 21.30
H361 R16 H . 7.73 3.09 19.48
H362 R16 H . 8.17 4.56 19.86
H371 R16 H . 7.88 3.61 22.22
H372 R16 H . 6.84 2.70 21.45
H381 R16 H . 5.52 4.45 20.93
H382 R16 H . 6.65 5.50 21.25
H391 R16 H . 6.43 4.79 23.57
H392 R16 H . 5.08 4.08 23.11
H401 R16 H . 4.16 6.14 22.53
H402 R16 H . 5.52 6.87 22.87
H411 R16 H . 5.24 6.19 25.16
H412 R16 H . 3.78 5.70 24.76
H421 R16 H . 2.98 7.68 25.01
H422 R16 H . 4.05 8.29 24.02
H423 R16 H . 4.40 8.14 25.56
C2 DD9 I . -20.05 -0.32 -4.00
C2 DD9 I . -19.74 -1.32 -5.03
C3 DD9 I . -19.20 0.89 -4.30
C3 DD9 I . -19.38 0.05 -5.51
C4 DD9 I . -19.94 2.20 -4.26
C4 DD9 I . -19.91 1.17 -4.65
C5 DD9 I . -19.65 3.12 -5.43
C5 DD9 I . -20.56 2.30 -5.41
C6 DD9 I . -20.20 4.51 -5.27
C6 DD9 I . -20.30 3.67 -4.83
C7 DD9 I . -20.23 5.33 -6.54
C7 DD9 I . -20.47 4.81 -5.81
C8 DD9 I . -18.95 6.07 -6.82
C8 DD9 I . -19.42 5.88 -5.73
C9 DD9 I . -18.97 6.86 -8.11
C9 DD9 I . -19.81 7.18 -6.39
H2 DD9 I . -21.00 -0.07 -4.12
H2 DD9 I . -20.71 -1.46 -5.13
H2A DD9 I . -19.92 -0.57 -3.06
H2A DD9 I . -19.52 -1.39 -4.08
H3 DD9 I . -18.79 0.78 -5.18
H3 DD9 I . -19.73 0.17 -6.42
H3A DD9 I . -18.47 0.93 -3.64
H3A DD9 I . -18.40 0.13 -5.56
H4 DD9 I . -19.72 2.67 -3.43
H4 DD9 I . -19.16 1.54 -4.12
H4A DD9 I . -20.91 2.02 -4.24
H4A DD9 I . -20.55 0.81 -4.02
H5 DD9 I . -20.03 2.72 -6.24
H5 DD9 I . -21.52 2.15 -5.43
H5A DD9 I . -18.68 3.17 -5.55
H5A DD9 I . -20.23 2.28 -6.33
H6 DD9 I . -19.67 5.00 -4.60
H6 DD9 I . -19.38 3.70 -4.49
H6A DD9 I . -21.12 4.45 -4.92
H6A DD9 I . -20.90 3.81 -4.07
H7 DD9 I . -20.95 5.98 -6.49
H7 DD9 I . -21.35 5.22 -5.65
H7A DD9 I . -20.41 4.73 -7.30
H7A DD9 I . -20.48 4.44 -6.71
H8 DD9 I . -18.21 5.43 -6.86
H8 DD9 I . -18.60 5.54 -6.15
H8A DD9 I . -18.77 6.68 -6.07
H8A DD9 I . -19.22 6.05 -4.78
H9 DD9 I . -19.13 7.81 -7.91
H9 DD9 I . -19.78 7.90 -5.72
H9A DD9 I . -19.69 6.53 -8.68
H9A DD9 I . -20.71 7.11 -6.74
H9B DD9 I . -18.12 6.76 -8.57
H9B DD9 I . -19.19 7.39 -7.10
C1 DD9 J . -15.23 -9.33 1.18
C2 DD9 J . -16.10 -8.13 0.90
C3 DD9 J . -16.35 -7.27 2.11
C4 DD9 J . -17.52 -6.33 2.02
C5 DD9 J . -18.87 -6.99 2.11
C6 DD9 J . -20.04 -6.03 2.19
C7 DD9 J . -21.17 -6.48 3.09
C8 DD9 J . -22.50 -5.82 2.82
C9 DD9 J . -22.89 -4.76 3.83
H1 DD9 J . -14.96 -9.74 0.33
H1A DD9 J . -15.73 -9.98 1.70
H1B DD9 J . -14.44 -9.05 1.67
H2 DD9 J . -16.96 -8.43 0.54
H2A DD9 J . -15.68 -7.58 0.20
H3 DD9 J . -15.53 -6.74 2.27
H3A DD9 J . -16.48 -7.86 2.88
H4 DD9 J . -17.47 -5.83 1.17
H4A DD9 J . -17.44 -5.66 2.74
H5 DD9 J . -18.89 -7.56 2.91
H5A DD9 J . -18.99 -7.56 1.33
H6 DD9 J . -20.39 -5.90 1.29
H6A DD9 J . -19.72 -5.16 2.51
H7 DD9 J . -20.92 -6.31 4.02
H7A DD9 J . -21.28 -7.45 2.99
H8 DD9 J . -23.20 -6.52 2.82
H8A DD9 J . -22.48 -5.41 1.93
H9 DD9 J . -22.23 -4.03 3.79
H9A DD9 J . -22.88 -5.14 4.72
H9B DD9 J . -23.77 -4.42 3.62
C1 DD9 K . -17.36 9.91 -9.91
C2 DD9 K . -18.50 10.88 -9.91
C3 DD9 K . -19.06 11.18 -8.53
C4 DD9 K . -20.54 10.91 -8.38
C5 DD9 K . -21.21 11.73 -7.30
C6 DD9 K . -22.57 11.23 -6.91
C7 DD9 K . -23.41 12.25 -6.18
C8 DD9 K . -24.77 11.75 -5.75
C9 DD9 K . -25.72 12.85 -5.30
H1 DD9 K . -16.95 9.89 -10.80
H1A DD9 K . -17.68 9.02 -9.69
H1B DD9 K . -16.69 10.18 -9.26
H2 DD9 K . -19.23 10.53 -10.47
H2A DD9 K . -18.21 11.73 -10.31
H3 DD9 K . -18.88 12.12 -8.31
H3A DD9 K . -18.57 10.63 -7.88
H4 DD9 K . -20.66 9.96 -8.17
H4A DD9 K . -20.99 11.09 -9.23
H5 DD9 K . -21.29 12.66 -7.62
H5A DD9 K . -20.64 11.74 -6.51
H6 DD9 K . -22.47 10.44 -6.34
H6A DD9 K . -23.06 10.95 -7.72
H7 DD9 K . -23.54 13.03 -6.75
H7A DD9 K . -22.93 12.53 -5.38
H8 DD9 K . -24.67 11.11 -5.02
H8A DD9 K . -25.18 11.27 -6.50
H9 DD9 K . -26.60 12.68 -5.67
H9A DD9 K . -25.40 13.70 -5.62
H9B DD9 K . -25.77 12.85 -4.34
C1 DD9 L . -10.32 -13.43 -7.66
C2 DD9 L . -9.19 -12.42 -7.62
C3 DD9 L . -9.28 -11.45 -6.46
C4 DD9 L . -9.09 -12.09 -5.10
C5 DD9 L . -9.09 -11.12 -3.95
C6 DD9 L . -9.15 -11.77 -2.59
C7 DD9 L . -9.86 -10.94 -1.54
C8 DD9 L . -11.34 -10.76 -1.76
C9 DD9 L . -12.17 -11.02 -0.53
H1 DD9 L . -10.33 -13.87 -8.53
H1A DD9 L . -11.17 -12.99 -7.52
H1B DD9 L . -10.18 -14.09 -6.97
H2 DD9 L . -9.20 -11.90 -8.45
H2A DD9 L . -8.34 -12.89 -7.57
H3 DD9 L . -10.15 -11.01 -6.48
H3A DD9 L . -8.59 -10.76 -6.58
H4 DD9 L . -8.23 -12.57 -5.11
H4A DD9 L . -9.80 -12.75 -4.96
H5 DD9 L . -9.87 -10.51 -4.05
H5A DD9 L . -8.28 -10.56 -4.00
H6 DD9 L . -8.24 -11.95 -2.29
H6A DD9 L . -9.62 -12.62 -2.68
H7 DD9 L . -9.44 -10.05 -1.51
H7A DD9 L . -9.72 -11.36 -0.66
H8 DD9 L . -11.63 -11.37 -2.48
H8A DD9 L . -11.50 -9.84 -2.07
H9 DD9 L . -13.10 -10.77 -0.70
H9A DD9 L . -11.83 -10.50 0.22
H9B DD9 L . -12.13 -11.97 -0.31
C27 R16 M . 17.40 5.34 13.80
C28 R16 M . 17.58 5.31 15.31
C29 R16 M . 16.83 6.40 16.03
C30 R16 M . 15.81 5.91 17.04
C31 R16 M . 14.63 6.85 17.24
C32 R16 M . 13.67 6.42 18.31
C33 R16 M . 12.45 5.67 17.82
C34 R16 M . 11.28 6.54 17.45
C35 R16 M . 10.33 6.82 18.59
C36 R16 M . 10.84 7.81 19.60
C37 R16 M . 9.77 8.52 20.40
C38 R16 M . 9.68 8.08 21.85
C39 R16 M . 9.23 9.16 22.80
C40 R16 M . 9.10 8.71 24.24
C41 R16 M . 8.12 9.51 25.08
C42 R16 M . 8.63 10.87 25.48
H271 R16 M . 17.77 6.15 13.44
H272 R16 M . 16.45 5.29 13.58
H273 R16 M . 17.85 4.57 13.41
H281 R16 M . 18.53 5.40 15.51
H282 R16 M . 17.28 4.44 15.64
H291 R16 M . 16.37 6.95 15.37
H292 R16 M . 17.48 6.97 16.50
H301 R16 M . 16.25 5.78 17.90
H302 R16 M . 15.46 5.04 16.74
H311 R16 M . 14.15 6.93 16.39
H312 R16 M . 14.98 7.74 17.46
H321 R16 M . 13.36 7.23 18.80
H322 R16 M . 14.15 5.86 18.97
H331 R16 M . 12.17 5.03 18.52
H332 R16 M . 12.72 5.13 17.04
H341 R16 M . 10.79 6.10 16.72
H342 R16 M . 11.62 7.39 17.11
H351 R16 M . 10.12 5.97 19.04
H352 R16 M . 9.49 7.16 18.20
H361 R16 M . 11.37 8.49 19.13
H362 R16 M . 11.44 7.34 20.22
H371 R16 M . 8.90 8.36 19.97
H372 R16 M . 9.95 9.48 20.38
H381 R16 M . 10.56 7.75 22.14
H382 R16 M . 9.04 7.33 21.91
H391 R16 M . 8.37 9.51 22.50
H392 R16 M . 9.88 9.90 22.76
H401 R16 M . 9.98 8.75 24.66
H402 R16 M . 8.81 7.77 24.24
H411 R16 M . 7.91 8.99 25.88
H412 R16 M . 7.30 9.61 24.56
H421 R16 M . 8.35 11.53 24.82
H422 R16 M . 9.60 10.85 25.53
H423 R16 M . 8.27 11.10 26.35
CA CA N . 9.83 -17.25 -18.24
NA NA O . -22.30 7.73 3.64
CL CL P . -11.97 17.19 5.25
CL CL Q . 7.01 -21.36 -19.10
CL CL R . 2.88 -15.56 -21.48
#